data_5H5E
#
_entry.id   5H5E
#
_cell.length_a   38.731
_cell.length_b   58.035
_cell.length_c   43.357
_cell.angle_alpha   90.00
_cell.angle_beta   106.40
_cell.angle_gamma   90.00
#
_symmetry.space_group_name_H-M   'P 1 21 1'
#
loop_
_entity.id
_entity.type
_entity.pdbx_description
1 polymer 'Protein arginine N-methyltransferase SFM1'
2 non-polymer S-ADENOSYL-L-HOMOCYSTEINE
3 water water
#
_entity_poly.entity_id   1
_entity_poly.type   'polypeptide(L)'
_entity_poly.pdbx_seq_one_letter_code
;MGSSHHHHHHLEVLFQGPHMASKYIIEHMEEGFSEWVILEYSQILREVGAENLILSSLPESTTEKDIPQRLLKLGLRWTT
KDLKGINEDFKDLELLKDGRVCLLDPRATIDLQPEDATKFDYFVFGGILGDHPPRDRTKELKTAYPNLLISRRLGDKQMT
TDTAIRTTQLIIKDRIAFEDIKFIDYPEFRFNKNEATEMPFRYVLDKEGKPILPEGMLDLIKKDSAQSLDDLLM
;
_entity_poly.pdbx_strand_id   A
#
# COMPACT_ATOMS: atom_id res chain seq x y z
N SER A 4 20.73 -27.70 -12.63
CA SER A 4 19.50 -28.14 -11.98
C SER A 4 18.28 -27.44 -12.58
N HIS A 5 17.14 -28.14 -12.62
CA HIS A 5 15.94 -27.62 -13.28
C HIS A 5 14.72 -27.53 -12.38
N HIS A 6 14.81 -27.96 -11.11
CA HIS A 6 13.62 -28.00 -10.28
C HIS A 6 13.32 -26.70 -9.56
N HIS A 7 14.29 -25.81 -9.40
CA HIS A 7 14.01 -24.54 -8.74
C HIS A 7 13.42 -23.49 -9.67
N HIS A 8 13.35 -23.76 -10.97
CA HIS A 8 12.64 -22.90 -11.92
C HIS A 8 11.23 -23.46 -12.06
N HIS A 9 10.32 -23.03 -11.18
CA HIS A 9 9.14 -23.83 -10.88
C HIS A 9 7.79 -23.14 -11.03
N HIS A 10 7.73 -21.82 -11.17
CA HIS A 10 6.47 -21.06 -11.20
C HIS A 10 5.48 -21.54 -10.16
N LEU A 11 5.98 -21.78 -8.94
CA LEU A 11 5.10 -22.13 -7.82
C LEU A 11 4.12 -21.01 -7.48
N GLU A 12 4.33 -19.81 -8.02
CA GLU A 12 3.45 -18.69 -7.68
C GLU A 12 2.01 -18.96 -8.07
N VAL A 13 1.78 -19.79 -9.09
CA VAL A 13 0.43 -20.08 -9.56
C VAL A 13 -0.44 -20.60 -8.43
N LEU A 14 0.13 -21.44 -7.58
CA LEU A 14 -0.59 -21.98 -6.42
C LEU A 14 -0.63 -20.95 -5.30
N SER A 22 -7.54 -11.43 -3.19
CA SER A 22 -7.23 -10.04 -3.48
C SER A 22 -5.72 -9.79 -3.52
N LYS A 23 -5.27 -9.02 -4.52
CA LYS A 23 -3.88 -8.68 -4.70
C LYS A 23 -3.66 -7.20 -4.46
N TYR A 24 -2.56 -6.85 -3.81
CA TYR A 24 -2.19 -5.47 -3.52
C TYR A 24 -0.98 -5.08 -4.34
N ILE A 25 -1.05 -3.93 -5.00
CA ILE A 25 0.02 -3.43 -5.85
C ILE A 25 0.36 -2.02 -5.42
N ILE A 26 1.64 -1.78 -5.13
CA ILE A 26 2.13 -0.47 -4.77
C ILE A 26 2.97 0.03 -5.94
N GLU A 27 2.59 1.17 -6.49
CA GLU A 27 3.36 1.82 -7.56
C GLU A 27 4.40 2.70 -6.90
N HIS A 28 5.66 2.26 -6.89
CA HIS A 28 6.68 2.99 -6.17
C HIS A 28 6.93 4.34 -6.83
N MET A 29 6.73 5.41 -6.08
CA MET A 29 6.83 6.77 -6.59
C MET A 29 7.79 7.62 -5.77
N GLU A 30 8.68 6.99 -5.02
CA GLU A 30 9.75 7.69 -4.32
C GLU A 30 11.07 7.40 -5.01
N GLU A 31 12.03 8.29 -4.81
CA GLU A 31 13.41 8.04 -5.24
C GLU A 31 14.09 7.21 -4.16
N GLY A 32 14.45 5.98 -4.50
CA GLY A 32 15.10 5.11 -3.54
C GLY A 32 14.16 4.71 -2.42
N PHE A 33 14.77 4.23 -1.34
CA PHE A 33 14.02 3.70 -0.19
C PHE A 33 14.54 4.38 1.08
N SER A 34 13.79 5.36 1.56
CA SER A 34 14.12 5.96 2.85
C SER A 34 13.76 4.99 3.98
N GLU A 35 14.26 5.29 5.18
CA GLU A 35 13.96 4.44 6.33
C GLU A 35 12.45 4.30 6.55
N TRP A 36 11.72 5.41 6.39
CA TRP A 36 10.28 5.37 6.59
C TRP A 36 9.60 4.44 5.57
N VAL A 37 9.97 4.56 4.30
CA VAL A 37 9.42 3.66 3.29
C VAL A 37 9.69 2.21 3.65
N ILE A 38 10.90 1.92 4.12
CA ILE A 38 11.25 0.53 4.44
C ILE A 38 10.40 0.02 5.59
N LEU A 39 10.19 0.85 6.62
CA LEU A 39 9.36 0.42 7.74
C LEU A 39 7.92 0.20 7.31
N GLU A 40 7.38 1.10 6.47
CA GLU A 40 6.01 0.96 6.01
C GLU A 40 5.84 -0.29 5.15
N TYR A 41 6.71 -0.45 4.16
CA TYR A 41 6.62 -1.61 3.29
C TYR A 41 6.80 -2.91 4.08
N SER A 42 7.70 -2.91 5.06
CA SER A 42 7.88 -4.07 5.93
C SER A 42 6.57 -4.42 6.64
N GLN A 43 5.92 -3.41 7.22
CA GLN A 43 4.63 -3.66 7.90
C GLN A 43 3.60 -4.23 6.92
N ILE A 44 3.50 -3.63 5.74
CA ILE A 44 2.56 -4.12 4.74
C ILE A 44 2.82 -5.58 4.41
N LEU A 45 4.09 -5.92 4.17
CA LEU A 45 4.42 -7.31 3.86
C LEU A 45 3.98 -8.23 4.98
N ARG A 46 4.23 -7.81 6.23
CA ARG A 46 3.84 -8.65 7.36
C ARG A 46 2.32 -8.79 7.46
N GLU A 47 1.56 -7.79 6.99
CA GLU A 47 0.12 -7.83 7.23
C GLU A 47 -0.67 -8.49 6.09
N VAL A 48 -0.25 -8.32 4.83
CA VAL A 48 -0.99 -8.96 3.73
C VAL A 48 -0.27 -10.18 3.18
N GLY A 49 0.97 -10.44 3.57
CA GLY A 49 1.71 -11.57 3.06
C GLY A 49 2.44 -11.28 1.79
N ALA A 50 3.67 -11.80 1.67
CA ALA A 50 4.53 -11.49 0.53
C ALA A 50 3.92 -12.00 -0.78
N GLU A 51 3.13 -13.06 -0.72
CA GLU A 51 2.50 -13.60 -1.93
C GLU A 51 1.37 -12.70 -2.45
N ASN A 52 0.88 -11.76 -1.65
CA ASN A 52 -0.26 -10.94 -2.05
C ASN A 52 0.11 -9.49 -2.31
N LEU A 53 1.40 -9.18 -2.48
CA LEU A 53 1.84 -7.82 -2.66
C LEU A 53 2.82 -7.75 -3.81
N ILE A 54 2.68 -6.72 -4.64
CA ILE A 54 3.64 -6.43 -5.70
C ILE A 54 4.09 -4.98 -5.55
N LEU A 55 5.40 -4.77 -5.51
CA LEU A 55 5.99 -3.44 -5.64
C LEU A 55 6.37 -3.25 -7.10
N SER A 56 5.70 -2.34 -7.78
CA SER A 56 5.89 -2.15 -9.22
C SER A 56 6.42 -0.76 -9.51
N SER A 57 6.79 -0.55 -10.78
CA SER A 57 7.24 0.73 -11.33
C SER A 57 8.56 1.20 -10.72
N LEU A 58 9.37 0.29 -10.19
CA LEU A 58 10.70 0.67 -9.78
C LEU A 58 11.51 1.12 -10.99
N PRO A 59 12.52 1.97 -10.80
CA PRO A 59 13.30 2.45 -11.94
C PRO A 59 13.87 1.29 -12.75
N GLU A 60 14.09 1.54 -14.04
CA GLU A 60 14.51 0.44 -14.91
C GLU A 60 15.89 -0.08 -14.53
N SER A 61 16.75 0.78 -13.96
CA SER A 61 18.07 0.38 -13.49
C SER A 61 18.03 -0.43 -12.19
N THR A 62 16.85 -0.71 -11.66
CA THR A 62 16.74 -1.38 -10.38
C THR A 62 17.12 -2.85 -10.51
N THR A 63 18.06 -3.28 -9.67
CA THR A 63 18.45 -4.67 -9.50
C THR A 63 18.25 -5.06 -8.04
N GLU A 64 18.46 -6.34 -7.75
CA GLU A 64 18.24 -6.83 -6.39
C GLU A 64 19.10 -6.08 -5.37
N LYS A 65 20.28 -5.62 -5.76
CA LYS A 65 21.12 -4.86 -4.82
C LYS A 65 20.50 -3.51 -4.47
N ASP A 66 19.56 -3.02 -5.28
CA ASP A 66 18.88 -1.76 -4.98
C ASP A 66 17.68 -1.93 -4.05
N ILE A 67 17.26 -3.16 -3.79
CA ILE A 67 16.12 -3.41 -2.91
C ILE A 67 16.63 -3.58 -1.49
N PRO A 68 16.05 -2.90 -0.50
CA PRO A 68 16.55 -3.03 0.88
C PRO A 68 16.47 -4.47 1.36
N GLN A 69 17.53 -4.89 2.07
CA GLN A 69 17.60 -6.26 2.55
C GLN A 69 16.48 -6.58 3.53
N ARG A 70 15.98 -5.58 4.26
CA ARG A 70 14.84 -5.82 5.14
C ARG A 70 13.62 -6.29 4.35
N LEU A 71 13.43 -5.76 3.14
CA LEU A 71 12.27 -6.12 2.33
C LEU A 71 12.46 -7.46 1.61
N LEU A 72 13.67 -7.71 1.08
CA LEU A 72 13.95 -9.00 0.47
C LEU A 72 13.82 -10.13 1.47
N LYS A 73 14.32 -9.91 2.69
CA LYS A 73 14.19 -10.88 3.77
C LYS A 73 12.73 -11.26 4.00
N LEU A 74 11.81 -10.31 3.86
CA LEU A 74 10.40 -10.60 4.02
C LEU A 74 9.78 -11.16 2.76
N GLY A 75 10.57 -11.41 1.71
CA GLY A 75 10.06 -12.02 0.50
C GLY A 75 9.38 -11.08 -0.48
N LEU A 76 9.78 -9.81 -0.51
CA LEU A 76 9.15 -8.82 -1.38
C LEU A 76 9.21 -9.24 -2.85
N ARG A 77 8.06 -9.18 -3.51
CA ARG A 77 7.97 -9.36 -4.96
C ARG A 77 7.95 -7.98 -5.60
N TRP A 78 8.92 -7.70 -6.46
CA TRP A 78 9.12 -6.37 -7.01
C TRP A 78 9.39 -6.47 -8.51
N THR A 79 9.13 -5.37 -9.21
CA THR A 79 9.34 -5.34 -10.65
C THR A 79 9.56 -3.91 -11.09
N THR A 80 10.33 -3.75 -12.17
CA THR A 80 10.47 -2.46 -12.82
C THR A 80 9.32 -2.17 -13.79
N LYS A 81 8.52 -3.20 -14.13
CA LYS A 81 7.36 -2.98 -14.97
C LYS A 81 6.31 -2.17 -14.22
N ASP A 82 5.49 -1.44 -14.97
CA ASP A 82 4.39 -0.74 -14.33
C ASP A 82 3.13 -1.59 -14.46
N LEU A 83 1.97 -1.00 -14.20
CA LEU A 83 0.72 -1.77 -14.19
C LEU A 83 0.49 -2.49 -15.51
N LYS A 84 0.82 -1.85 -16.63
CA LYS A 84 0.59 -2.46 -17.93
C LYS A 84 1.57 -3.57 -18.26
N GLY A 85 2.66 -3.72 -17.51
CA GLY A 85 3.65 -4.73 -17.84
C GLY A 85 3.80 -5.82 -16.80
N ILE A 86 3.07 -5.67 -15.69
CA ILE A 86 3.22 -6.59 -14.55
C ILE A 86 2.92 -8.02 -14.98
N ASN A 87 1.90 -8.21 -15.82
CA ASN A 87 1.48 -9.55 -16.20
C ASN A 87 2.59 -10.31 -16.91
N GLU A 88 3.49 -9.60 -17.59
CA GLU A 88 4.63 -10.25 -18.24
C GLU A 88 5.58 -10.85 -17.21
N ASP A 89 5.57 -10.34 -15.98
CA ASP A 89 6.59 -10.70 -14.99
C ASP A 89 6.12 -11.76 -14.01
N PHE A 90 4.82 -11.84 -13.72
CA PHE A 90 4.30 -12.78 -12.75
C PHE A 90 3.19 -13.60 -13.40
N LYS A 91 3.48 -14.87 -13.71
CA LYS A 91 2.47 -15.74 -14.29
C LYS A 91 1.25 -15.89 -13.38
N ASP A 92 1.44 -15.76 -12.07
CA ASP A 92 0.37 -15.95 -11.10
C ASP A 92 -0.60 -14.78 -11.02
N LEU A 93 -0.24 -13.63 -11.58
CA LEU A 93 -1.11 -12.47 -11.56
C LEU A 93 -2.11 -12.59 -12.69
N GLU A 94 -3.38 -12.80 -12.32
CA GLU A 94 -4.51 -12.71 -13.24
C GLU A 94 -4.36 -11.46 -14.08
N LEU A 95 -4.69 -11.54 -15.38
CA LEU A 95 -4.63 -10.36 -16.22
C LEU A 95 -5.26 -9.17 -15.53
N LEU A 96 -4.46 -8.13 -15.32
CA LEU A 96 -5.00 -6.84 -14.94
C LEU A 96 -5.82 -6.34 -16.12
N LYS A 97 -7.14 -6.22 -15.92
CA LYS A 97 -8.07 -5.91 -17.00
C LYS A 97 -8.88 -4.68 -16.64
N ASP A 98 -9.47 -4.06 -17.66
CA ASP A 98 -10.24 -2.84 -17.46
C ASP A 98 -11.42 -3.11 -16.52
N GLY A 99 -11.57 -2.24 -15.51
CA GLY A 99 -12.69 -2.33 -14.60
C GLY A 99 -12.46 -3.14 -13.35
N ARG A 100 -11.57 -4.12 -13.38
CA ARG A 100 -11.32 -4.99 -12.24
C ARG A 100 -10.15 -4.54 -11.40
N VAL A 101 -9.57 -3.38 -11.68
CA VAL A 101 -8.44 -2.87 -10.91
C VAL A 101 -8.89 -1.59 -10.24
N CYS A 102 -8.82 -1.58 -8.91
CA CYS A 102 -9.27 -0.47 -8.10
C CYS A 102 -8.06 0.37 -7.68
N LEU A 103 -8.10 1.66 -7.96
CA LEU A 103 -7.10 2.60 -7.46
C LEU A 103 -7.64 3.23 -6.19
N LEU A 104 -6.93 3.04 -5.07
CA LEU A 104 -7.28 3.75 -3.85
C LEU A 104 -6.76 5.17 -3.97
N ASP A 105 -7.67 6.14 -3.91
CA ASP A 105 -7.36 7.52 -4.28
C ASP A 105 -8.07 8.47 -3.33
N PRO A 106 -7.34 9.35 -2.64
CA PRO A 106 -7.98 10.24 -1.67
C PRO A 106 -8.97 11.18 -2.32
N ARG A 107 -8.97 11.30 -3.64
CA ARG A 107 -9.85 12.20 -4.36
C ARG A 107 -10.94 11.46 -5.12
N ALA A 108 -11.11 10.17 -4.87
CA ALA A 108 -12.23 9.46 -5.46
C ALA A 108 -13.55 9.98 -4.87
N THR A 109 -14.62 9.80 -5.64
CA THR A 109 -15.93 10.23 -5.15
C THR A 109 -16.51 9.21 -4.18
N ILE A 110 -16.29 7.92 -4.45
CA ILE A 110 -16.99 6.83 -3.78
C ILE A 110 -16.06 6.15 -2.78
N ASP A 111 -16.51 6.02 -1.53
CA ASP A 111 -15.77 5.28 -0.53
C ASP A 111 -15.85 3.79 -0.80
N LEU A 112 -14.73 3.09 -0.60
CA LEU A 112 -14.70 1.64 -0.74
C LEU A 112 -15.60 1.00 0.31
N GLN A 113 -16.40 0.02 -0.12
CA GLN A 113 -17.31 -0.70 0.75
C GLN A 113 -17.11 -2.19 0.58
N PRO A 114 -17.56 -3.00 1.56
CA PRO A 114 -17.31 -4.46 1.47
C PRO A 114 -17.82 -5.12 0.19
N GLU A 115 -18.92 -4.61 -0.38
CA GLU A 115 -19.43 -5.22 -1.61
C GLU A 115 -18.50 -4.99 -2.80
N ASP A 116 -17.61 -4.00 -2.71
CA ASP A 116 -16.56 -3.85 -3.71
C ASP A 116 -15.64 -5.05 -3.78
N ALA A 117 -15.70 -5.97 -2.81
CA ALA A 117 -14.93 -7.20 -2.93
C ALA A 117 -15.38 -8.01 -4.13
N THR A 118 -16.66 -7.89 -4.52
CA THR A 118 -17.13 -8.63 -5.69
C THR A 118 -16.76 -7.97 -7.00
N LYS A 119 -16.28 -6.73 -6.96
CA LYS A 119 -16.10 -5.95 -8.17
C LYS A 119 -14.65 -5.82 -8.61
N PHE A 120 -13.68 -6.10 -7.74
CA PHE A 120 -12.29 -5.87 -8.07
C PHE A 120 -11.44 -7.05 -7.62
N ASP A 121 -10.39 -7.31 -8.40
CA ASP A 121 -9.38 -8.32 -8.06
C ASP A 121 -8.06 -7.73 -7.61
N TYR A 122 -7.77 -6.49 -7.97
CA TYR A 122 -6.49 -5.85 -7.65
C TYR A 122 -6.74 -4.49 -7.02
N PHE A 123 -5.91 -4.14 -6.04
CA PHE A 123 -6.02 -2.86 -5.35
C PHE A 123 -4.68 -2.16 -5.41
N VAL A 124 -4.67 -0.95 -5.95
CA VAL A 124 -3.45 -0.23 -6.29
C VAL A 124 -3.32 0.98 -5.38
N PHE A 125 -2.11 1.20 -4.89
CA PHE A 125 -1.78 2.29 -3.98
C PHE A 125 -0.54 3.00 -4.50
N GLY A 126 -0.50 4.32 -4.29
CA GLY A 126 0.72 5.06 -4.52
C GLY A 126 1.74 4.77 -3.44
N GLY A 127 2.93 4.35 -3.85
CA GLY A 127 4.06 4.26 -2.95
C GLY A 127 4.65 5.64 -2.73
N ILE A 128 3.93 6.46 -1.98
CA ILE A 128 4.23 7.87 -1.79
C ILE A 128 4.30 8.16 -0.30
N LEU A 129 5.32 8.90 0.11
CA LEU A 129 5.34 9.48 1.44
C LEU A 129 4.60 10.80 1.35
N GLY A 130 3.37 10.83 1.87
CA GLY A 130 2.53 11.98 1.67
C GLY A 130 3.04 13.21 2.41
N ASP A 131 2.85 14.36 1.78
CA ASP A 131 3.18 15.64 2.37
C ASP A 131 1.88 16.32 2.82
N HIS A 132 2.02 17.29 3.72
CA HIS A 132 0.87 18.10 4.09
C HIS A 132 1.18 19.60 3.87
N PRO A 133 0.39 20.27 3.02
CA PRO A 133 -0.78 19.72 2.29
C PRO A 133 -0.44 18.68 1.24
N PRO A 134 -1.34 17.73 1.00
CA PRO A 134 -1.11 16.75 -0.05
C PRO A 134 -0.70 17.44 -1.36
N ARG A 135 0.18 16.77 -2.10
CA ARG A 135 0.55 17.22 -3.44
C ARG A 135 -0.24 16.48 -4.52
N ASP A 136 -1.22 15.67 -4.12
CA ASP A 136 -2.14 14.99 -5.02
C ASP A 136 -1.42 14.11 -6.04
N ARG A 137 -0.31 13.49 -5.63
CA ARG A 137 0.46 12.68 -6.57
C ARG A 137 -0.27 11.40 -6.98
N THR A 138 -1.22 10.94 -6.17
CA THR A 138 -1.99 9.77 -6.56
C THR A 138 -2.77 10.03 -7.84
N LYS A 139 -3.14 11.29 -8.10
CA LYS A 139 -3.82 11.60 -9.35
C LYS A 139 -2.95 11.25 -10.54
N GLU A 140 -1.63 11.44 -10.42
CA GLU A 140 -0.73 11.01 -11.48
C GLU A 140 -1.05 9.58 -11.89
N LEU A 141 -1.17 8.67 -10.92
CA LEU A 141 -1.54 7.29 -11.22
C LEU A 141 -2.83 7.21 -12.01
N LYS A 142 -3.88 7.86 -11.52
CA LYS A 142 -5.17 7.81 -12.21
C LYS A 142 -5.04 8.30 -13.64
N THR A 143 -4.23 9.35 -13.87
CA THR A 143 -4.10 9.87 -15.22
C THR A 143 -3.11 9.05 -16.05
N ALA A 144 -2.28 8.23 -15.40
CA ALA A 144 -1.31 7.43 -16.15
C ALA A 144 -1.96 6.21 -16.78
N TYR A 145 -3.04 5.71 -16.18
CA TYR A 145 -3.74 4.51 -16.65
C TYR A 145 -5.22 4.85 -16.78
N PRO A 146 -5.59 5.67 -17.76
CA PRO A 146 -6.97 6.19 -17.78
C PRO A 146 -8.02 5.13 -18.07
N ASN A 147 -7.66 4.04 -18.74
CA ASN A 147 -8.63 3.03 -19.10
C ASN A 147 -8.55 1.78 -18.24
N LEU A 148 -7.56 1.68 -17.36
CA LEU A 148 -7.40 0.50 -16.52
C LEU A 148 -8.04 0.64 -15.14
N LEU A 149 -7.93 1.80 -14.52
CA LEU A 149 -8.22 1.94 -13.10
C LEU A 149 -9.61 2.50 -12.85
N ILE A 150 -10.21 2.07 -11.74
CA ILE A 150 -11.44 2.67 -11.21
C ILE A 150 -11.17 3.09 -9.77
N SER A 151 -11.49 4.34 -9.45
CA SER A 151 -11.06 4.94 -8.20
C SER A 151 -12.05 4.67 -7.07
N ARG A 152 -11.50 4.52 -5.86
CA ARG A 152 -12.28 4.43 -4.62
C ARG A 152 -11.56 5.19 -3.52
N ARG A 153 -12.35 5.82 -2.64
CA ARG A 153 -11.83 6.63 -1.56
C ARG A 153 -11.85 5.83 -0.25
N LEU A 154 -11.02 6.28 0.70
CA LEU A 154 -10.98 5.72 2.04
C LEU A 154 -11.19 6.83 3.07
N GLY A 155 -12.31 7.54 2.93
CA GLY A 155 -12.58 8.67 3.81
C GLY A 155 -11.85 9.93 3.39
N ASP A 156 -12.12 11.00 4.12
CA ASP A 156 -11.72 12.34 3.71
C ASP A 156 -10.38 12.79 4.30
N LYS A 157 -9.65 11.91 4.97
CA LYS A 157 -8.36 12.27 5.51
C LYS A 157 -7.26 11.39 4.93
N GLN A 158 -6.09 12.01 4.72
CA GLN A 158 -4.96 11.31 4.13
C GLN A 158 -4.44 10.24 5.08
N MET A 159 -4.14 9.07 4.52
CA MET A 159 -3.52 7.97 5.23
C MET A 159 -2.15 7.71 4.65
N THR A 160 -1.29 7.07 5.45
CA THR A 160 -0.08 6.52 4.89
C THR A 160 -0.42 5.29 4.06
N THR A 161 0.56 4.85 3.26
CA THR A 161 0.34 3.68 2.42
C THR A 161 -0.03 2.46 3.27
N ASP A 162 0.69 2.22 4.36
CA ASP A 162 0.37 1.04 5.16
C ASP A 162 -1.00 1.16 5.84
N THR A 163 -1.38 2.36 6.28
CA THR A 163 -2.73 2.53 6.82
C THR A 163 -3.79 2.29 5.74
N ALA A 164 -3.57 2.81 4.52
CA ALA A 164 -4.55 2.63 3.45
C ALA A 164 -4.72 1.16 3.12
N ILE A 165 -3.63 0.40 3.07
CA ILE A 165 -3.73 -1.02 2.77
C ILE A 165 -4.39 -1.77 3.91
N ARG A 166 -4.09 -1.39 5.16
CA ARG A 166 -4.74 -2.01 6.32
C ARG A 166 -6.25 -1.77 6.29
N THR A 167 -6.66 -0.55 5.98
CA THR A 167 -8.08 -0.22 5.88
C THR A 167 -8.74 -0.98 4.75
N THR A 168 -8.08 -1.02 3.59
CA THR A 168 -8.61 -1.77 2.45
C THR A 168 -8.79 -3.24 2.82
N GLN A 169 -7.84 -3.82 3.53
CA GLN A 169 -7.98 -5.23 3.93
C GLN A 169 -9.13 -5.40 4.91
N LEU A 170 -9.28 -4.46 5.86
CA LEU A 170 -10.43 -4.53 6.76
C LEU A 170 -11.75 -4.50 6.00
N ILE A 171 -11.85 -3.67 4.97
CA ILE A 171 -13.10 -3.56 4.24
C ILE A 171 -13.32 -4.76 3.33
N ILE A 172 -12.30 -5.17 2.59
CA ILE A 172 -12.44 -6.17 1.53
C ILE A 172 -12.39 -7.59 2.07
N LYS A 173 -11.47 -7.88 3.00
CA LYS A 173 -11.35 -9.25 3.47
C LYS A 173 -12.21 -9.53 4.68
N ASP A 174 -12.19 -8.63 5.66
CA ASP A 174 -13.00 -8.76 6.86
C ASP A 174 -14.41 -8.21 6.71
N ARG A 175 -14.70 -7.57 5.57
CA ARG A 175 -16.06 -7.15 5.21
C ARG A 175 -16.63 -6.17 6.22
N ILE A 176 -15.79 -5.27 6.72
CA ILE A 176 -16.19 -4.25 7.68
C ILE A 176 -16.45 -2.95 6.93
N ALA A 177 -17.62 -2.37 7.15
CA ALA A 177 -17.96 -1.10 6.52
C ALA A 177 -17.02 0.00 6.97
N PHE A 178 -16.71 0.91 6.06
CA PHE A 178 -15.78 1.98 6.37
C PHE A 178 -16.21 2.76 7.61
N GLU A 179 -17.52 3.00 7.74
CA GLU A 179 -18.03 3.77 8.87
C GLU A 179 -17.85 3.05 10.20
N ASP A 180 -17.58 1.74 10.16
CA ASP A 180 -17.35 0.98 11.38
C ASP A 180 -15.90 0.98 11.82
N ILE A 181 -14.98 1.37 10.95
CA ILE A 181 -13.57 1.32 11.33
C ILE A 181 -13.29 2.45 12.30
N LYS A 182 -12.63 2.11 13.40
CA LYS A 182 -12.20 3.10 14.39
C LYS A 182 -10.86 3.67 13.98
N PHE A 183 -10.84 4.97 13.72
CA PHE A 183 -9.63 5.71 13.39
C PHE A 183 -9.30 6.69 14.51
N ILE A 184 -8.04 7.10 14.56
CA ILE A 184 -7.62 8.29 15.27
C ILE A 184 -7.00 9.23 14.25
N ASP A 185 -7.48 10.48 14.23
CA ASP A 185 -7.05 11.47 13.27
C ASP A 185 -5.95 12.34 13.87
N TYR A 186 -4.83 12.43 13.16
CA TYR A 186 -3.69 13.28 13.51
C TYR A 186 -3.24 13.02 14.95
N PRO A 187 -2.85 11.79 15.30
CA PRO A 187 -2.45 11.50 16.68
C PRO A 187 -1.16 12.20 17.05
N GLU A 188 -1.07 12.61 18.31
CA GLU A 188 0.16 13.18 18.83
C GLU A 188 0.92 12.13 19.63
N PHE A 189 2.21 12.06 19.40
CA PHE A 189 3.10 11.18 20.15
C PHE A 189 4.04 12.06 20.95
N ARG A 190 3.82 12.11 22.26
CA ARG A 190 4.62 12.94 23.15
C ARG A 190 5.51 12.04 23.99
N PHE A 191 6.81 12.35 24.01
CA PHE A 191 7.79 11.57 24.75
C PHE A 191 8.34 12.30 25.96
N ASN A 192 8.13 13.61 26.05
CA ASN A 192 8.46 14.40 27.23
C ASN A 192 7.68 15.69 27.16
N LYS A 193 7.78 16.49 28.21
CA LYS A 193 6.98 17.72 28.27
C LYS A 193 7.39 18.74 27.19
N ASN A 194 8.49 18.51 26.46
CA ASN A 194 8.96 19.46 25.45
C ASN A 194 9.09 18.91 24.04
N GLU A 195 9.18 17.60 23.86
CA GLU A 195 9.21 17.01 22.52
C GLU A 195 7.94 16.19 22.30
N ALA A 196 7.20 16.53 21.25
CA ALA A 196 6.01 15.84 20.79
C ALA A 196 5.99 15.94 19.28
N THR A 197 5.28 15.01 18.64
CA THR A 197 5.18 15.03 17.18
C THR A 197 3.76 14.66 16.82
N GLU A 198 3.08 15.54 16.11
CA GLU A 198 1.77 15.23 15.57
C GLU A 198 1.95 14.65 14.17
N MET A 199 1.36 13.49 13.93
CA MET A 199 1.42 12.88 12.60
C MET A 199 0.18 13.26 11.82
N PRO A 200 0.30 14.04 10.72
CA PRO A 200 -0.88 14.53 9.98
C PRO A 200 -1.54 13.49 9.08
N PHE A 201 -1.78 12.31 9.61
CA PHE A 201 -2.48 11.27 8.89
C PHE A 201 -3.55 10.66 9.78
N ARG A 202 -4.49 9.98 9.13
CA ARG A 202 -5.49 9.19 9.84
C ARG A 202 -4.96 7.78 10.01
N TYR A 203 -5.03 7.26 11.23
CA TYR A 203 -4.55 5.93 11.55
C TYR A 203 -5.69 5.05 12.02
N VAL A 204 -5.54 3.75 11.83
CA VAL A 204 -6.46 2.78 12.40
C VAL A 204 -6.10 2.55 13.86
N LEU A 205 -7.12 2.40 14.71
CA LEU A 205 -6.91 2.09 16.12
C LEU A 205 -6.89 0.58 16.35
N ASP A 206 -6.03 0.13 17.25
CA ASP A 206 -5.98 -1.30 17.53
C ASP A 206 -6.98 -1.63 18.63
N LYS A 207 -6.99 -2.91 19.01
CA LYS A 207 -7.90 -3.35 20.06
C LYS A 207 -7.66 -2.64 21.39
N GLU A 208 -6.47 -2.06 21.59
CA GLU A 208 -6.13 -1.41 22.85
C GLU A 208 -6.33 0.09 22.78
N GLY A 209 -6.91 0.60 21.70
CA GLY A 209 -7.13 2.04 21.57
C GLY A 209 -5.90 2.84 21.19
N LYS A 210 -4.87 2.21 20.65
CA LYS A 210 -3.68 2.92 20.24
C LYS A 210 -3.56 2.92 18.71
N PRO A 211 -3.00 3.98 18.12
CA PRO A 211 -2.84 4.00 16.66
C PRO A 211 -1.86 2.93 16.20
N ILE A 212 -2.21 2.26 15.12
CA ILE A 212 -1.40 1.18 14.56
C ILE A 212 -0.35 1.80 13.63
N LEU A 213 0.91 1.64 14.00
CA LEU A 213 2.04 2.13 13.23
C LEU A 213 2.92 0.96 12.80
N PRO A 214 3.67 1.12 11.71
CA PRO A 214 4.65 0.09 11.37
C PRO A 214 5.61 -0.15 12.52
N GLU A 215 6.07 -1.38 12.67
CA GLU A 215 7.05 -1.70 13.70
C GLU A 215 8.28 -0.83 13.52
N GLY A 216 8.73 -0.22 14.62
CA GLY A 216 9.85 0.69 14.58
C GLY A 216 9.51 2.12 14.23
N MET A 217 8.32 2.38 13.69
CA MET A 217 7.95 3.76 13.37
C MET A 217 8.01 4.65 14.60
N LEU A 218 7.43 4.18 15.71
CA LEU A 218 7.43 4.97 16.93
C LEU A 218 8.85 5.31 17.34
N ASP A 219 9.76 4.33 17.28
CA ASP A 219 11.15 4.56 17.62
C ASP A 219 11.78 5.57 16.67
N LEU A 220 11.38 5.54 15.40
CA LEU A 220 11.92 6.47 14.41
C LEU A 220 11.45 7.89 14.68
N ILE A 221 10.17 8.04 15.02
CA ILE A 221 9.58 9.35 15.30
C ILE A 221 10.28 10.00 16.48
N LYS A 222 10.55 9.22 17.52
CA LYS A 222 11.28 9.71 18.68
C LYS A 222 12.74 9.94 18.36
N SAH B . -1.61 12.46 -2.27
CA SAH B . -0.48 12.44 -1.29
CB SAH B . 0.02 11.01 -1.15
CG SAH B . -1.12 10.09 -0.71
SD SAH B . -0.71 8.91 0.56
C SAH B . 0.62 13.38 -1.72
O SAH B . 1.35 13.90 -0.86
OXT SAH B . 0.78 13.58 -2.95
C5' SAH B . -0.16 7.34 -0.04
C4' SAH B . -1.17 6.37 -0.70
O4' SAH B . -2.14 5.82 0.22
C3' SAH B . -2.01 6.98 -1.82
O3' SAH B . -1.34 6.95 -3.08
C2' SAH B . -3.28 6.17 -1.85
O2' SAH B . -3.19 5.08 -2.79
C1' SAH B . -3.41 5.67 -0.42
N9 SAH B . -4.35 6.57 0.33
C8 SAH B . -4.02 7.42 1.31
N7 SAH B . -5.10 8.11 1.78
C5 SAH B . -6.16 7.68 1.06
C6 SAH B . -7.61 7.98 1.03
N6 SAH B . -8.16 8.89 1.86
N1 SAH B . -8.37 7.34 0.14
C2 SAH B . -7.84 6.42 -0.70
N3 SAH B . -6.54 6.10 -0.72
C4 SAH B . -5.66 6.68 0.11
#